data_1KGQ
#
_entry.id   1KGQ
#
_cell.length_a   95.840
_cell.length_b   95.840
_cell.length_c   72.640
_cell.angle_alpha   90.00
_cell.angle_beta   90.00
_cell.angle_gamma   120.00
#
_symmetry.space_group_name_H-M   'H 3'
#
loop_
_entity.id
_entity.type
_entity.pdbx_description
1 polymer '2,3,4,5-TETRAHYDROPYRIDINE-2-CARBOXYLATE N-SUCCINYLTRANSFERASE'
2 non-polymer '(2S)-2-aminoheptanedioic acid'
3 non-polymer SUCCINAMIDE-COA
4 water water
#
_entity_poly.entity_id   1
_entity_poly.type   'polypeptide(L)'
_entity_poly.pdbx_seq_one_letter_code
;MQQLQNVIESAFERRADITPANVDTVTREAVNQVIGLLDSGALRVAEKIDGQWVTHQWLKKAVLLSFRINDNKVMDGAET
RYYDKVPMKFADYDEARFQKEGFRVVPPATVRQGAFIARNTVLMPSYVNIGAYVDEGTMVDTWATVGSCAQIGKNVHLSG
GVGIGGVLEPLQANPTIIEDNCFIGARSEVVEGVIVEEGSVISMGVYLGQSTRIYDRETGEIHYGRVPAGSVVVSGNLPS
KDGSYSLYCAVIVKKVDAKTRGKVGINELLRTID
;
_entity_poly.pdbx_strand_id   A
#
loop_
_chem_comp.id
_chem_comp.type
_chem_comp.name
_chem_comp.formula
SCO non-polymer SUCCINAMIDE-COA 'C25 H41 N8 O19 P3'
#
# COMPACT_ATOMS: atom_id res chain seq x y z
N MET A 1 -20.55 3.67 13.06
CA MET A 1 -19.85 2.68 12.24
C MET A 1 -20.51 1.28 12.34
N GLN A 2 -21.34 1.06 13.37
CA GLN A 2 -22.04 -0.22 13.48
C GLN A 2 -23.16 -0.16 12.45
N GLN A 3 -23.78 1.00 12.31
CA GLN A 3 -24.84 1.18 11.32
C GLN A 3 -24.35 0.87 9.87
N LEU A 4 -23.03 0.94 9.67
CA LEU A 4 -22.44 0.63 8.38
C LEU A 4 -21.89 -0.79 8.49
N GLN A 5 -21.11 -1.05 9.52
CA GLN A 5 -20.52 -2.36 9.63
C GLN A 5 -21.51 -3.45 9.45
N ASN A 6 -22.72 -3.23 9.91
CA ASN A 6 -23.73 -4.27 9.84
C ASN A 6 -24.21 -4.70 8.46
N VAL A 7 -24.70 -3.72 7.70
CA VAL A 7 -25.17 -3.87 6.33
C VAL A 7 -24.04 -4.51 5.56
N ILE A 8 -22.83 -3.99 5.76
CA ILE A 8 -21.65 -4.48 5.04
C ILE A 8 -21.44 -5.99 5.23
N GLU A 9 -21.30 -6.42 6.48
CA GLU A 9 -21.05 -7.83 6.74
C GLU A 9 -22.21 -8.72 6.33
N SER A 10 -23.37 -8.12 6.15
CA SER A 10 -24.52 -8.91 5.74
C SER A 10 -24.35 -9.27 4.26
N ALA A 11 -24.17 -8.24 3.44
CA ALA A 11 -24.00 -8.42 1.99
C ALA A 11 -22.81 -9.31 1.59
N PHE A 12 -21.69 -9.12 2.26
CA PHE A 12 -20.53 -9.90 1.90
C PHE A 12 -20.82 -11.37 1.80
N GLU A 13 -21.69 -11.84 2.67
CA GLU A 13 -22.02 -13.27 2.69
C GLU A 13 -22.71 -13.66 1.37
N ARG A 14 -23.45 -12.71 0.80
CA ARG A 14 -24.16 -12.88 -0.46
C ARG A 14 -23.39 -12.35 -1.68
N ARG A 15 -22.09 -12.07 -1.48
CA ARG A 15 -21.23 -11.49 -2.53
C ARG A 15 -21.40 -12.01 -3.96
N ALA A 16 -21.37 -13.32 -4.13
CA ALA A 16 -21.50 -13.91 -5.47
C ALA A 16 -22.85 -13.69 -6.15
N ASP A 17 -23.89 -13.40 -5.37
CA ASP A 17 -25.23 -13.15 -5.95
C ASP A 17 -25.59 -11.69 -6.13
N ILE A 18 -24.70 -10.80 -5.74
CA ILE A 18 -25.01 -9.41 -5.87
C ILE A 18 -24.45 -8.96 -7.15
N THR A 19 -25.13 -8.03 -7.76
CA THR A 19 -24.70 -7.52 -9.02
C THR A 19 -25.18 -6.09 -9.02
N PRO A 20 -24.65 -5.28 -9.91
CA PRO A 20 -25.03 -3.89 -9.99
C PRO A 20 -26.53 -3.67 -10.21
N ALA A 21 -27.26 -4.73 -10.54
CA ALA A 21 -28.67 -4.56 -10.86
C ALA A 21 -29.59 -5.07 -9.81
N ASN A 22 -29.18 -6.10 -9.14
CA ASN A 22 -30.02 -6.65 -8.15
C ASN A 22 -29.73 -6.09 -6.77
N VAL A 23 -28.68 -5.27 -6.66
CA VAL A 23 -28.31 -4.71 -5.35
C VAL A 23 -29.33 -3.70 -4.82
N ASP A 24 -29.71 -3.88 -3.56
CA ASP A 24 -30.69 -2.98 -2.90
C ASP A 24 -30.09 -1.63 -2.53
N THR A 25 -30.90 -0.58 -2.63
CA THR A 25 -30.47 0.80 -2.32
C THR A 25 -29.69 0.94 -1.00
N VAL A 26 -30.11 0.23 0.03
CA VAL A 26 -29.41 0.27 1.31
C VAL A 26 -27.94 -0.07 1.16
N THR A 27 -27.68 -1.33 0.81
CA THR A 27 -26.32 -1.84 0.66
C THR A 27 -25.46 -0.95 -0.27
N ARG A 28 -26.07 -0.45 -1.33
CA ARG A 28 -25.37 0.42 -2.25
C ARG A 28 -24.89 1.71 -1.53
N GLU A 29 -25.82 2.42 -0.90
CA GLU A 29 -25.47 3.64 -0.18
C GLU A 29 -24.44 3.40 0.87
N ALA A 30 -24.51 2.26 1.54
CA ALA A 30 -23.53 1.98 2.60
C ALA A 30 -22.10 1.77 2.12
N VAL A 31 -21.96 0.98 1.07
CA VAL A 31 -20.64 0.64 0.57
C VAL A 31 -20.14 1.95 0.10
N ASN A 32 -20.99 2.68 -0.55
CA ASN A 32 -20.59 3.98 -1.00
C ASN A 32 -20.03 4.87 0.15
N GLN A 33 -20.72 4.91 1.28
CA GLN A 33 -20.30 5.72 2.44
C GLN A 33 -18.96 5.24 2.95
N VAL A 34 -18.82 3.94 3.09
CA VAL A 34 -17.59 3.38 3.60
C VAL A 34 -16.35 3.69 2.74
N ILE A 35 -16.53 3.70 1.43
CA ILE A 35 -15.46 4.00 0.50
C ILE A 35 -15.11 5.49 0.62
N GLY A 36 -16.11 6.31 0.89
CA GLY A 36 -15.88 7.74 1.01
C GLY A 36 -15.09 8.14 2.27
N LEU A 37 -15.08 7.25 3.24
CA LEU A 37 -14.44 7.46 4.51
C LEU A 37 -13.05 7.00 4.43
N LEU A 38 -12.84 5.97 3.63
CA LEU A 38 -11.50 5.47 3.45
C LEU A 38 -10.74 6.53 2.62
N ASP A 39 -11.42 7.07 1.65
CA ASP A 39 -10.89 8.07 0.81
C ASP A 39 -10.41 9.31 1.63
N SER A 40 -11.12 9.56 2.75
CA SER A 40 -10.88 10.73 3.68
C SER A 40 -9.81 10.53 4.71
N GLY A 41 -9.46 9.28 4.99
CA GLY A 41 -8.50 8.98 6.04
C GLY A 41 -9.25 8.81 7.36
N ALA A 42 -10.55 9.13 7.35
CA ALA A 42 -11.41 8.98 8.56
C ALA A 42 -11.45 7.54 9.02
N LEU A 43 -11.36 6.62 8.05
CA LEU A 43 -11.31 5.20 8.36
C LEU A 43 -10.10 4.63 7.64
N ARG A 44 -9.51 3.58 8.15
CA ARG A 44 -8.38 2.94 7.52
C ARG A 44 -8.41 1.43 7.77
N VAL A 45 -8.01 0.67 6.75
CA VAL A 45 -8.07 -0.79 6.80
C VAL A 45 -7.29 -1.50 7.86
N ALA A 46 -6.12 -0.99 8.17
CA ALA A 46 -5.30 -1.56 9.24
C ALA A 46 -4.74 -0.41 10.06
N GLU A 47 -4.58 -0.66 11.36
CA GLU A 47 -4.18 0.36 12.32
C GLU A 47 -3.30 -0.31 13.30
N LYS A 48 -2.41 0.47 13.88
CA LYS A 48 -1.53 -0.08 14.89
C LYS A 48 -2.18 0.30 16.20
N ILE A 49 -2.32 -0.70 17.06
CA ILE A 49 -2.95 -0.48 18.34
C ILE A 49 -2.21 -1.29 19.37
N ASP A 50 -1.89 -0.63 20.46
CA ASP A 50 -1.10 -1.26 21.52
C ASP A 50 0.15 -1.91 20.90
N GLY A 51 0.71 -1.23 19.89
CA GLY A 51 1.93 -1.69 19.22
C GLY A 51 1.78 -2.96 18.42
N GLN A 52 0.57 -3.19 17.91
CA GLN A 52 0.30 -4.36 17.06
C GLN A 52 -0.56 -3.86 15.92
N TRP A 53 -0.24 -4.27 14.70
CA TRP A 53 -1.04 -3.83 13.58
C TRP A 53 -2.28 -4.70 13.54
N VAL A 54 -3.45 -4.09 13.40
CA VAL A 54 -4.64 -4.91 13.30
C VAL A 54 -5.48 -4.62 12.09
N THR A 55 -5.98 -5.69 11.49
CA THR A 55 -6.77 -5.57 10.30
C THR A 55 -8.23 -5.54 10.60
N HIS A 56 -8.92 -4.53 10.08
CA HIS A 56 -10.35 -4.42 10.17
C HIS A 56 -10.99 -5.13 8.95
N GLN A 57 -11.11 -6.45 9.03
CA GLN A 57 -11.71 -7.26 7.92
C GLN A 57 -12.99 -6.71 7.30
N TRP A 58 -13.88 -6.13 8.09
CA TRP A 58 -15.09 -5.59 7.49
C TRP A 58 -14.79 -4.49 6.50
N LEU A 59 -13.65 -3.83 6.66
CA LEU A 59 -13.34 -2.74 5.75
C LEU A 59 -12.80 -3.30 4.40
N LYS A 60 -12.07 -4.40 4.47
CA LYS A 60 -11.57 -5.14 3.31
C LYS A 60 -12.79 -5.68 2.54
N LYS A 61 -13.79 -6.15 3.30
CA LYS A 61 -15.05 -6.61 2.71
C LYS A 61 -15.77 -5.55 1.94
N ALA A 62 -15.78 -4.34 2.43
CA ALA A 62 -16.48 -3.31 1.70
C ALA A 62 -15.74 -2.99 0.38
N VAL A 63 -14.40 -3.06 0.43
CA VAL A 63 -13.59 -2.75 -0.76
C VAL A 63 -13.96 -3.78 -1.81
N LEU A 64 -13.91 -5.02 -1.41
CA LEU A 64 -14.34 -6.10 -2.27
C LEU A 64 -15.74 -5.91 -2.87
N LEU A 65 -16.71 -5.50 -2.03
CA LEU A 65 -18.09 -5.36 -2.49
C LEU A 65 -18.27 -4.28 -3.43
N SER A 66 -17.40 -3.29 -3.37
CA SER A 66 -17.62 -2.19 -4.31
C SER A 66 -17.58 -2.71 -5.73
N PHE A 67 -16.82 -3.77 -5.96
CA PHE A 67 -16.66 -4.39 -7.30
C PHE A 67 -17.90 -5.17 -7.70
N ARG A 68 -18.79 -5.42 -6.76
CA ARG A 68 -20.04 -6.14 -7.07
C ARG A 68 -21.21 -5.20 -7.25
N ILE A 69 -21.10 -4.03 -6.68
CA ILE A 69 -22.22 -3.10 -6.68
C ILE A 69 -22.13 -2.06 -7.72
N ASN A 70 -20.93 -1.78 -8.19
CA ASN A 70 -20.80 -0.74 -9.19
C ASN A 70 -20.66 -1.30 -10.56
N ASP A 71 -21.13 -0.57 -11.55
CA ASP A 71 -21.00 -0.99 -12.93
C ASP A 71 -19.89 -0.17 -13.63
N ASN A 72 -19.30 -0.77 -14.67
CA ASN A 72 -18.26 -0.07 -15.43
C ASN A 72 -18.86 1.07 -16.20
N LYS A 73 -18.02 2.02 -16.56
CA LYS A 73 -18.46 3.16 -17.32
C LYS A 73 -17.30 3.59 -18.25
N VAL A 74 -17.58 4.16 -19.40
CA VAL A 74 -16.49 4.54 -20.25
C VAL A 74 -15.83 5.77 -19.68
N MET A 75 -14.51 5.73 -19.59
CA MET A 75 -13.78 6.87 -19.10
C MET A 75 -13.02 7.41 -20.29
N ASP A 76 -13.14 8.70 -20.50
CA ASP A 76 -12.48 9.29 -21.63
C ASP A 76 -11.06 9.73 -21.38
N GLY A 77 -10.11 9.01 -21.98
CA GLY A 77 -8.70 9.38 -21.94
C GLY A 77 -8.60 10.39 -23.09
N ALA A 78 -7.42 10.88 -23.41
CA ALA A 78 -7.39 11.83 -24.50
C ALA A 78 -7.27 11.10 -25.81
N GLU A 79 -6.20 10.31 -25.93
CA GLU A 79 -5.91 9.56 -27.15
C GLU A 79 -6.50 8.14 -27.15
N THR A 80 -7.10 7.73 -26.03
CA THR A 80 -7.67 6.39 -25.89
C THR A 80 -8.85 6.41 -24.90
N ARG A 81 -9.48 5.26 -24.68
CA ARG A 81 -10.64 5.21 -23.77
C ARG A 81 -10.46 4.09 -22.81
N TYR A 82 -11.16 4.17 -21.67
CA TYR A 82 -11.07 3.14 -20.64
C TYR A 82 -12.52 2.74 -20.24
N TYR A 83 -12.63 1.59 -19.62
CA TYR A 83 -13.90 1.04 -19.21
C TYR A 83 -13.66 0.38 -17.87
N ASP A 84 -14.07 1.06 -16.80
CA ASP A 84 -13.84 0.55 -15.46
C ASP A 84 -14.87 1.06 -14.45
N LYS A 85 -14.87 0.43 -13.28
CA LYS A 85 -15.86 0.78 -12.31
C LYS A 85 -15.40 1.52 -11.04
N VAL A 86 -14.12 1.96 -10.97
CA VAL A 86 -13.65 2.72 -9.80
C VAL A 86 -13.23 4.08 -10.26
N PRO A 87 -13.90 5.09 -9.74
CA PRO A 87 -13.63 6.46 -10.14
C PRO A 87 -12.19 6.95 -9.84
N MET A 88 -11.79 7.98 -10.53
CA MET A 88 -10.48 8.57 -10.30
C MET A 88 -10.54 9.53 -9.13
N LYS A 89 -9.72 9.32 -8.13
CA LYS A 89 -9.74 10.22 -6.99
C LYS A 89 -9.71 11.69 -7.31
N PHE A 90 -8.79 12.13 -8.16
CA PHE A 90 -8.59 13.56 -8.41
C PHE A 90 -9.38 14.23 -9.47
N ALA A 91 -10.27 13.48 -10.13
CA ALA A 91 -11.04 14.05 -11.20
C ALA A 91 -11.86 15.26 -10.85
N ASP A 92 -12.32 15.39 -9.61
CA ASP A 92 -13.11 16.58 -9.26
C ASP A 92 -12.33 17.75 -8.56
N TYR A 93 -11.06 17.52 -8.21
CA TYR A 93 -10.23 18.55 -7.54
C TYR A 93 -9.95 19.80 -8.39
N ASP A 94 -9.79 20.92 -7.71
CA ASP A 94 -9.42 22.19 -8.35
C ASP A 94 -8.21 22.68 -7.57
N GLU A 95 -7.58 23.77 -8.00
CA GLU A 95 -6.37 24.21 -7.31
C GLU A 95 -6.52 24.44 -5.83
N ALA A 96 -7.70 24.91 -5.45
CA ALA A 96 -7.99 25.22 -4.06
C ALA A 96 -7.86 23.97 -3.21
N ARG A 97 -8.53 22.92 -3.66
CA ARG A 97 -8.49 21.67 -2.95
C ARG A 97 -7.10 21.05 -2.93
N PHE A 98 -6.38 21.16 -4.05
CA PHE A 98 -5.04 20.61 -4.11
C PHE A 98 -4.19 21.41 -3.11
N GLN A 99 -4.34 22.73 -3.16
CA GLN A 99 -3.57 23.61 -2.25
C GLN A 99 -3.89 23.26 -0.81
N LYS A 100 -5.15 23.12 -0.53
CA LYS A 100 -5.59 22.76 0.79
C LYS A 100 -5.06 21.36 1.20
N GLU A 101 -5.12 20.41 0.27
CA GLU A 101 -4.68 19.07 0.59
C GLU A 101 -3.18 18.89 0.76
N GLY A 102 -2.41 19.74 0.11
CA GLY A 102 -0.95 19.78 0.32
C GLY A 102 0.00 18.69 -0.14
N PHE A 103 -0.32 18.01 -1.25
CA PHE A 103 0.60 17.00 -1.77
C PHE A 103 0.90 17.30 -3.25
N ARG A 104 1.82 16.59 -3.86
CA ARG A 104 2.14 16.88 -5.24
C ARG A 104 1.85 15.67 -6.10
N VAL A 105 1.20 15.88 -7.22
CA VAL A 105 0.81 14.76 -8.09
C VAL A 105 1.39 14.95 -9.46
N VAL A 106 2.44 14.19 -9.73
CA VAL A 106 3.16 14.29 -11.03
C VAL A 106 2.54 13.45 -12.16
N PRO A 107 2.18 14.08 -13.27
CA PRO A 107 1.60 13.36 -14.41
C PRO A 107 2.59 12.37 -14.93
N PRO A 108 2.11 11.17 -15.22
CA PRO A 108 0.68 10.87 -15.13
C PRO A 108 0.28 10.01 -13.92
N ALA A 109 0.82 10.31 -12.75
CA ALA A 109 0.48 9.58 -11.51
C ALA A 109 -1.03 9.43 -11.45
N THR A 110 -1.50 8.29 -10.95
CA THR A 110 -2.95 8.02 -10.89
C THR A 110 -3.33 7.37 -9.56
N VAL A 111 -4.47 7.78 -9.03
CA VAL A 111 -4.94 7.26 -7.76
C VAL A 111 -6.40 7.01 -7.85
N ARG A 112 -6.79 5.83 -7.38
CA ARG A 112 -8.20 5.47 -7.35
C ARG A 112 -8.91 6.14 -6.17
N GLN A 113 -10.21 6.36 -6.33
CA GLN A 113 -10.99 6.88 -5.22
C GLN A 113 -11.06 5.78 -4.14
N GLY A 114 -11.04 6.19 -2.87
CA GLY A 114 -11.05 5.22 -1.77
C GLY A 114 -9.66 5.03 -1.27
N ALA A 115 -8.72 5.87 -1.72
CA ALA A 115 -7.36 5.71 -1.22
C ALA A 115 -7.01 6.98 -0.49
N PHE A 116 -6.28 6.87 0.60
CA PHE A 116 -5.92 8.09 1.31
C PHE A 116 -4.48 8.59 1.04
N ILE A 117 -4.37 9.84 0.58
CA ILE A 117 -3.09 10.46 0.39
C ILE A 117 -2.91 11.64 1.41
N ALA A 118 -1.92 11.55 2.26
CA ALA A 118 -1.64 12.58 3.24
C ALA A 118 -0.87 13.81 2.73
N ARG A 119 -0.95 14.86 3.51
CA ARG A 119 -0.29 16.14 3.25
C ARG A 119 1.22 15.94 3.04
N ASN A 120 1.84 16.81 2.22
CA ASN A 120 3.28 16.73 2.08
C ASN A 120 3.85 15.46 1.44
N THR A 121 3.08 14.80 0.61
CA THR A 121 3.62 13.61 -0.04
C THR A 121 3.85 14.04 -1.49
N VAL A 122 4.65 13.27 -2.19
CA VAL A 122 4.93 13.54 -3.59
C VAL A 122 4.64 12.25 -4.36
N LEU A 123 3.74 12.29 -5.32
CA LEU A 123 3.52 11.05 -6.08
C LEU A 123 4.16 11.21 -7.45
N MET A 124 5.25 10.55 -7.70
CA MET A 124 5.84 10.59 -9.06
C MET A 124 4.84 9.72 -9.91
N PRO A 125 5.09 9.48 -11.21
CA PRO A 125 4.12 8.64 -11.98
C PRO A 125 4.12 7.28 -11.37
N SER A 126 2.94 6.89 -10.93
CA SER A 126 2.83 5.65 -10.17
C SER A 126 1.33 5.37 -10.00
N TYR A 127 1.04 4.34 -9.23
CA TYR A 127 -0.32 3.89 -9.01
C TYR A 127 -0.63 3.64 -7.54
N VAL A 128 -1.74 4.20 -7.08
CA VAL A 128 -2.20 3.93 -5.72
C VAL A 128 -3.62 3.43 -5.85
N ASN A 129 -3.79 2.18 -5.43
CA ASN A 129 -5.04 1.46 -5.51
C ASN A 129 -5.99 1.67 -4.31
N ILE A 130 -7.24 1.39 -4.57
CA ILE A 130 -8.33 1.53 -3.60
C ILE A 130 -8.04 1.01 -2.22
N GLY A 131 -8.40 1.81 -1.22
CA GLY A 131 -8.22 1.41 0.17
C GLY A 131 -6.85 1.59 0.71
N ALA A 132 -5.91 2.09 -0.10
CA ALA A 132 -4.55 2.24 0.44
C ALA A 132 -4.47 3.53 1.29
N TYR A 133 -3.47 3.58 2.13
CA TYR A 133 -3.27 4.76 2.98
C TYR A 133 -1.81 5.17 2.85
N VAL A 134 -1.54 6.38 2.39
CA VAL A 134 -0.12 6.84 2.26
C VAL A 134 0.07 8.06 3.18
N ASP A 135 0.93 7.87 4.18
CA ASP A 135 1.12 8.88 5.20
C ASP A 135 2.07 10.05 4.84
N GLU A 136 2.09 11.03 5.74
CA GLU A 136 2.83 12.28 5.55
C GLU A 136 4.28 12.20 5.17
N GLY A 137 4.65 13.07 4.22
CA GLY A 137 6.02 13.22 3.75
C GLY A 137 6.58 12.08 2.90
N THR A 138 5.75 11.15 2.51
CA THR A 138 6.23 10.00 1.76
C THR A 138 6.37 10.30 0.29
N MET A 139 7.36 9.67 -0.35
CA MET A 139 7.47 9.83 -1.81
C MET A 139 7.28 8.46 -2.44
N VAL A 140 6.46 8.44 -3.49
CA VAL A 140 6.20 7.23 -4.29
C VAL A 140 6.86 7.59 -5.62
N ASP A 141 8.02 7.00 -5.84
CA ASP A 141 8.83 7.24 -7.02
C ASP A 141 8.27 6.50 -8.28
N THR A 142 8.85 6.82 -9.42
CA THR A 142 8.38 6.39 -10.72
C THR A 142 8.06 4.92 -10.93
N TRP A 143 6.85 4.65 -11.45
CA TRP A 143 6.41 3.28 -11.68
C TRP A 143 6.31 2.42 -10.45
N ALA A 144 6.15 3.04 -9.29
CA ALA A 144 5.99 2.23 -8.09
C ALA A 144 4.48 1.94 -8.00
N THR A 145 4.10 0.98 -7.17
CA THR A 145 2.69 0.70 -7.02
C THR A 145 2.33 0.46 -5.53
N VAL A 146 1.30 1.15 -5.05
CA VAL A 146 0.86 0.93 -3.66
C VAL A 146 -0.41 0.10 -3.80
N GLY A 147 -0.28 -1.18 -3.52
CA GLY A 147 -1.39 -2.13 -3.69
C GLY A 147 -2.65 -1.85 -2.89
N SER A 148 -3.75 -2.54 -3.25
CA SER A 148 -5.03 -2.34 -2.56
C SER A 148 -4.85 -2.53 -1.03
N CYS A 149 -5.38 -1.58 -0.23
CA CYS A 149 -5.37 -1.66 1.25
C CYS A 149 -4.02 -1.62 1.93
N ALA A 150 -2.98 -1.37 1.15
CA ALA A 150 -1.63 -1.36 1.72
C ALA A 150 -1.45 -0.12 2.68
N GLN A 151 -0.62 -0.25 3.68
CA GLN A 151 -0.43 0.89 4.64
C GLN A 151 1.05 1.37 4.57
N ILE A 152 1.22 2.62 4.16
CA ILE A 152 2.58 3.20 4.00
C ILE A 152 2.75 4.27 5.10
N GLY A 153 3.81 4.16 5.89
CA GLY A 153 4.05 5.12 7.00
C GLY A 153 4.45 6.53 6.56
N LYS A 154 4.84 7.40 7.51
CA LYS A 154 5.24 8.78 7.19
C LYS A 154 6.66 8.78 6.75
N ASN A 155 7.03 9.75 5.89
CA ASN A 155 8.43 9.88 5.48
C ASN A 155 9.00 8.61 4.94
N VAL A 156 8.26 7.92 4.12
CA VAL A 156 8.83 6.69 3.58
C VAL A 156 9.26 7.01 2.12
N HIS A 157 10.27 6.30 1.64
CA HIS A 157 10.68 6.48 0.27
C HIS A 157 10.55 5.15 -0.47
N LEU A 158 9.56 5.09 -1.33
CA LEU A 158 9.34 3.89 -2.15
C LEU A 158 10.08 4.23 -3.46
N SER A 159 11.20 3.58 -3.72
CA SER A 159 11.97 3.90 -4.95
C SER A 159 11.26 3.47 -6.24
N GLY A 160 11.96 3.70 -7.35
CA GLY A 160 11.40 3.41 -8.66
C GLY A 160 11.08 1.94 -8.83
N GLY A 161 9.96 1.66 -9.47
CA GLY A 161 9.59 0.30 -9.80
C GLY A 161 9.35 -0.59 -8.63
N VAL A 162 9.00 0.01 -7.49
CA VAL A 162 8.77 -0.79 -6.30
C VAL A 162 7.29 -1.20 -6.26
N GLY A 163 7.04 -2.43 -5.80
CA GLY A 163 5.66 -2.87 -5.70
C GLY A 163 5.32 -3.30 -4.26
N ILE A 164 4.23 -2.75 -3.76
CA ILE A 164 3.76 -3.12 -2.41
C ILE A 164 2.46 -3.91 -2.59
N GLY A 165 2.47 -5.17 -2.17
CA GLY A 165 1.33 -6.09 -2.37
C GLY A 165 -0.05 -5.61 -2.00
N GLY A 166 -1.05 -6.02 -2.78
CA GLY A 166 -2.44 -5.66 -2.50
C GLY A 166 -3.13 -6.86 -1.76
N VAL A 167 -4.46 -6.85 -1.75
CA VAL A 167 -5.18 -7.93 -1.07
C VAL A 167 -6.32 -8.48 -1.97
N LEU A 168 -6.44 -7.97 -3.19
CA LEU A 168 -7.55 -8.36 -4.07
C LEU A 168 -7.33 -9.59 -4.97
N GLU A 169 -6.18 -9.65 -5.61
CA GLU A 169 -5.83 -10.80 -6.46
C GLU A 169 -4.33 -10.89 -6.64
N PRO A 170 -3.73 -11.94 -6.10
CA PRO A 170 -4.48 -12.98 -5.35
C PRO A 170 -5.12 -12.45 -4.05
N LEU A 171 -6.19 -13.08 -3.62
CA LEU A 171 -6.86 -12.66 -2.39
C LEU A 171 -5.90 -12.85 -1.17
N GLN A 172 -5.84 -11.85 -0.27
CA GLN A 172 -4.94 -11.91 0.89
C GLN A 172 -5.65 -11.71 2.22
N ALA A 173 -5.12 -12.33 3.25
CA ALA A 173 -5.72 -12.16 4.60
C ALA A 173 -5.49 -10.74 5.13
N ASN A 174 -4.21 -10.33 5.13
CA ASN A 174 -3.81 -9.04 5.69
C ASN A 174 -3.08 -8.18 4.68
N PRO A 175 -3.25 -6.87 4.80
CA PRO A 175 -2.57 -5.93 3.88
C PRO A 175 -1.09 -5.90 4.14
N THR A 176 -0.35 -5.31 3.22
CA THR A 176 1.09 -5.24 3.40
C THR A 176 1.39 -3.91 4.13
N ILE A 177 2.37 -3.89 5.02
CA ILE A 177 2.57 -2.65 5.80
C ILE A 177 4.01 -2.22 5.84
N ILE A 178 4.24 -0.95 5.58
CA ILE A 178 5.62 -0.45 5.61
C ILE A 178 5.57 0.63 6.68
N GLU A 179 6.31 0.46 7.75
CA GLU A 179 6.19 1.48 8.81
C GLU A 179 6.94 2.79 8.47
N ASP A 180 6.86 3.73 9.40
CA ASP A 180 7.45 5.05 9.24
C ASP A 180 8.94 5.03 8.95
N ASN A 181 9.38 6.05 8.24
CA ASN A 181 10.80 6.23 7.99
C ASN A 181 11.56 5.08 7.32
N CYS A 182 10.91 4.32 6.47
CA CYS A 182 11.59 3.20 5.80
C CYS A 182 11.98 3.64 4.44
N PHE A 183 12.97 2.98 3.85
CA PHE A 183 13.37 3.29 2.47
C PHE A 183 13.33 1.96 1.73
N ILE A 184 12.57 1.90 0.65
CA ILE A 184 12.50 0.63 -0.13
C ILE A 184 13.20 0.85 -1.45
N GLY A 185 14.29 0.11 -1.67
CA GLY A 185 15.15 0.23 -2.85
C GLY A 185 14.47 -0.14 -4.15
N ALA A 186 15.02 0.41 -5.24
CA ALA A 186 14.47 0.24 -6.58
C ALA A 186 14.14 -1.21 -6.94
N ARG A 187 13.01 -1.39 -7.60
CA ARG A 187 12.53 -2.71 -8.07
C ARG A 187 12.40 -3.81 -7.03
N SER A 188 12.22 -3.45 -5.77
CA SER A 188 12.01 -4.46 -4.79
C SER A 188 10.50 -4.70 -4.68
N GLU A 189 10.10 -5.77 -4.01
CA GLU A 189 8.66 -6.06 -3.87
C GLU A 189 8.39 -6.59 -2.46
N VAL A 190 7.31 -6.07 -1.86
CA VAL A 190 6.91 -6.50 -0.49
C VAL A 190 5.43 -6.84 -0.60
N VAL A 191 5.13 -8.10 -0.32
CA VAL A 191 3.78 -8.62 -0.48
C VAL A 191 3.32 -9.58 0.66
N GLU A 192 2.08 -10.05 0.53
CA GLU A 192 1.51 -11.10 1.43
C GLU A 192 1.50 -10.80 2.92
N GLY A 193 1.25 -9.54 3.24
CA GLY A 193 1.14 -9.06 4.61
C GLY A 193 2.43 -9.04 5.36
N VAL A 194 3.53 -8.94 4.67
CA VAL A 194 4.80 -8.88 5.36
C VAL A 194 4.87 -7.49 6.03
N ILE A 195 5.52 -7.41 7.17
CA ILE A 195 5.64 -6.09 7.81
C ILE A 195 7.11 -5.61 7.86
N VAL A 196 7.36 -4.42 7.30
CA VAL A 196 8.72 -3.81 7.37
C VAL A 196 8.65 -2.77 8.47
N GLU A 197 9.32 -3.08 9.58
CA GLU A 197 9.33 -2.20 10.72
C GLU A 197 10.09 -0.92 10.52
N GLU A 198 9.64 0.10 11.22
CA GLU A 198 10.16 1.42 11.07
C GLU A 198 11.64 1.63 11.01
N GLY A 199 12.01 2.61 10.19
CA GLY A 199 13.42 2.96 10.04
C GLY A 199 14.26 1.92 9.37
N SER A 200 13.64 0.99 8.63
CA SER A 200 14.44 -0.04 7.96
C SER A 200 14.84 0.40 6.53
N VAL A 201 15.93 -0.18 6.01
CA VAL A 201 16.39 0.15 4.65
C VAL A 201 16.45 -1.14 3.84
N ILE A 202 15.60 -1.24 2.83
CA ILE A 202 15.60 -2.44 1.96
C ILE A 202 16.36 -2.05 0.69
N SER A 203 17.32 -2.86 0.32
CA SER A 203 18.12 -2.56 -0.86
C SER A 203 17.37 -2.76 -2.15
N MET A 204 18.07 -2.64 -3.27
CA MET A 204 17.46 -2.84 -4.58
C MET A 204 17.22 -4.32 -4.88
N GLY A 205 16.17 -4.64 -5.63
CA GLY A 205 15.97 -6.04 -6.03
C GLY A 205 15.82 -6.99 -4.85
N VAL A 206 15.07 -6.56 -3.83
CA VAL A 206 14.79 -7.46 -2.68
C VAL A 206 13.31 -7.81 -2.77
N TYR A 207 13.01 -9.10 -2.67
CA TYR A 207 11.62 -9.65 -2.84
C TYR A 207 11.21 -10.35 -1.56
N LEU A 208 10.24 -9.77 -0.89
CA LEU A 208 9.83 -10.33 0.39
C LEU A 208 8.39 -10.76 0.40
N GLY A 209 8.17 -12.05 0.65
CA GLY A 209 6.81 -12.62 0.80
C GLY A 209 6.85 -13.61 2.01
N GLN A 210 5.71 -14.19 2.36
CA GLN A 210 5.71 -15.13 3.47
C GLN A 210 6.69 -16.26 3.35
N SER A 211 7.05 -16.70 2.18
CA SER A 211 8.00 -17.81 2.14
C SER A 211 9.45 -17.35 2.11
N THR A 212 9.69 -16.04 2.15
CA THR A 212 11.07 -15.56 2.10
C THR A 212 11.79 -15.60 3.45
N ARG A 213 12.94 -16.22 3.46
CA ARG A 213 13.74 -16.27 4.64
C ARG A 213 14.53 -14.99 4.78
N ILE A 214 14.34 -14.29 5.88
CA ILE A 214 15.08 -13.06 6.17
C ILE A 214 16.15 -13.49 7.17
N TYR A 215 17.34 -13.70 6.66
CA TYR A 215 18.40 -14.22 7.45
C TYR A 215 19.31 -13.18 8.14
N ASP A 216 19.48 -13.30 9.45
CA ASP A 216 20.31 -12.36 10.16
C ASP A 216 21.64 -13.00 10.29
N ARG A 217 22.60 -12.58 9.51
CA ARG A 217 23.92 -13.21 9.56
C ARG A 217 24.63 -13.07 10.93
N GLU A 218 24.25 -12.05 11.69
CA GLU A 218 24.89 -11.84 12.96
C GLU A 218 24.44 -12.92 13.92
N THR A 219 23.14 -12.96 14.21
CA THR A 219 22.60 -13.90 15.19
C THR A 219 22.36 -15.30 14.72
N GLY A 220 22.19 -15.46 13.42
CA GLY A 220 21.91 -16.78 12.84
C GLY A 220 20.38 -17.00 12.80
N GLU A 221 19.64 -16.03 13.32
CA GLU A 221 18.21 -16.11 13.35
C GLU A 221 17.58 -15.84 11.98
N ILE A 222 16.57 -16.64 11.64
CA ILE A 222 15.84 -16.52 10.36
C ILE A 222 14.45 -16.01 10.62
N HIS A 223 14.11 -14.88 10.03
CA HIS A 223 12.78 -14.33 10.21
C HIS A 223 11.90 -14.69 9.04
N TYR A 224 10.61 -14.57 9.28
CA TYR A 224 9.61 -14.83 8.27
C TYR A 224 8.50 -13.83 8.54
N GLY A 225 8.07 -13.10 7.52
CA GLY A 225 6.95 -12.19 7.66
C GLY A 225 7.23 -10.82 8.18
N ARG A 226 8.45 -10.55 8.60
CA ARG A 226 8.71 -9.21 9.12
C ARG A 226 10.15 -8.84 9.14
N VAL A 227 10.39 -7.55 9.01
CA VAL A 227 11.74 -7.00 9.01
C VAL A 227 11.86 -6.19 10.29
N PRO A 228 12.71 -6.65 11.20
CA PRO A 228 12.92 -5.99 12.50
C PRO A 228 13.37 -4.56 12.32
N ALA A 229 12.76 -3.66 13.08
CA ALA A 229 13.07 -2.23 12.96
C ALA A 229 14.60 -1.88 12.81
N GLY A 230 14.91 -0.90 11.98
CA GLY A 230 16.29 -0.48 11.79
C GLY A 230 17.25 -1.40 11.05
N SER A 231 16.73 -2.37 10.30
CA SER A 231 17.60 -3.26 9.56
C SER A 231 17.92 -2.72 8.19
N VAL A 232 19.04 -3.18 7.66
CA VAL A 232 19.47 -2.91 6.32
C VAL A 232 19.44 -4.33 5.68
N VAL A 233 18.60 -4.49 4.67
CA VAL A 233 18.42 -5.80 4.03
C VAL A 233 18.90 -5.81 2.58
N VAL A 234 19.58 -6.87 2.20
CA VAL A 234 20.02 -7.03 0.80
C VAL A 234 19.76 -8.46 0.35
N SER A 235 19.79 -8.67 -0.97
CA SER A 235 19.59 -9.98 -1.58
C SER A 235 20.75 -10.90 -1.35
N GLY A 236 20.47 -12.18 -1.18
CA GLY A 236 21.51 -13.17 -1.06
C GLY A 236 20.91 -14.52 -1.38
N ASN A 237 21.63 -15.56 -0.98
CA ASN A 237 21.18 -16.94 -1.19
C ASN A 237 21.64 -17.78 -0.04
N LEU A 238 20.91 -18.88 0.20
CA LEU A 238 21.33 -19.86 1.20
C LEU A 238 21.56 -21.20 0.45
N PRO A 239 22.65 -21.87 0.79
CA PRO A 239 23.04 -23.11 0.14
C PRO A 239 22.21 -24.31 0.54
N SER A 240 22.02 -25.23 -0.41
CA SER A 240 21.27 -26.49 -0.19
C SER A 240 22.04 -27.30 0.81
N LYS A 241 21.42 -28.36 1.31
CA LYS A 241 22.11 -29.20 2.26
C LYS A 241 23.35 -29.82 1.59
N ASP A 242 23.20 -30.31 0.36
CA ASP A 242 24.33 -30.93 -0.37
C ASP A 242 25.29 -29.90 -0.93
N GLY A 243 24.84 -28.65 -0.98
CA GLY A 243 25.69 -27.56 -1.48
C GLY A 243 25.75 -27.55 -2.99
N SER A 244 24.84 -28.28 -3.60
CA SER A 244 24.76 -28.41 -5.04
C SER A 244 24.03 -27.23 -5.73
N TYR A 245 23.41 -26.37 -4.93
CA TYR A 245 22.74 -25.20 -5.44
C TYR A 245 22.38 -24.35 -4.24
N SER A 246 21.90 -23.14 -4.47
CA SER A 246 21.51 -22.27 -3.41
C SER A 246 20.24 -21.56 -3.84
N LEU A 247 19.42 -21.10 -2.89
CA LEU A 247 18.18 -20.41 -3.22
C LEU A 247 18.14 -19.03 -2.62
N TYR A 248 17.34 -18.19 -3.25
CA TYR A 248 17.20 -16.80 -2.85
C TYR A 248 16.81 -16.59 -1.41
N CYS A 249 17.29 -15.51 -0.81
CA CYS A 249 16.87 -15.16 0.52
C CYS A 249 17.26 -13.73 0.70
N ALA A 250 16.66 -13.12 1.73
CA ALA A 250 16.95 -11.75 2.08
C ALA A 250 17.93 -11.81 3.26
N VAL A 251 18.98 -10.99 3.24
CA VAL A 251 19.98 -11.01 4.34
C VAL A 251 20.08 -9.67 5.06
N ILE A 252 19.93 -9.70 6.39
CA ILE A 252 20.06 -8.51 7.20
C ILE A 252 21.56 -8.38 7.43
N VAL A 253 22.20 -7.41 6.79
CA VAL A 253 23.66 -7.32 6.91
C VAL A 253 24.13 -6.38 8.01
N LYS A 254 23.23 -5.53 8.50
CA LYS A 254 23.63 -4.59 9.52
C LYS A 254 22.47 -3.71 9.93
N LYS A 255 22.73 -2.87 10.94
CA LYS A 255 21.75 -1.90 11.45
C LYS A 255 22.06 -0.60 10.78
N VAL A 256 21.03 0.18 10.45
CA VAL A 256 21.22 1.45 9.79
C VAL A 256 22.22 2.34 10.53
N ASP A 257 23.12 2.99 9.78
CA ASP A 257 24.12 3.87 10.35
C ASP A 257 24.29 5.12 9.51
N ALA A 258 25.20 5.99 9.91
CA ALA A 258 25.39 7.25 9.22
C ALA A 258 25.71 7.00 7.80
N LYS A 259 26.50 5.99 7.58
CA LYS A 259 26.92 5.67 6.24
C LYS A 259 25.68 5.38 5.38
N THR A 260 24.79 4.56 5.92
CA THR A 260 23.58 4.18 5.23
C THR A 260 22.74 5.40 5.02
N ARG A 261 22.54 6.15 6.10
CA ARG A 261 21.73 7.36 6.04
C ARG A 261 22.18 8.30 4.93
N GLY A 262 23.47 8.23 4.58
CA GLY A 262 23.99 9.12 3.55
C GLY A 262 23.36 8.85 2.17
N LYS A 263 22.99 7.60 1.94
CA LYS A 263 22.46 7.19 0.67
C LYS A 263 20.95 7.19 0.56
N VAL A 264 20.24 7.28 1.67
CA VAL A 264 18.77 7.16 1.59
C VAL A 264 17.92 8.30 2.09
N GLY A 265 18.51 9.45 2.31
CA GLY A 265 17.72 10.55 2.80
C GLY A 265 16.65 11.18 1.93
N ILE A 266 15.59 11.65 2.59
CA ILE A 266 14.49 12.35 1.97
C ILE A 266 14.97 13.76 1.66
N ASN A 267 14.57 14.29 0.51
CA ASN A 267 14.95 15.64 0.15
C ASN A 267 13.81 16.67 0.50
N GLU A 268 13.96 17.33 1.64
CA GLU A 268 12.96 18.29 2.11
C GLU A 268 12.67 19.41 1.15
N LEU A 269 13.62 19.75 0.31
CA LEU A 269 13.38 20.83 -0.62
C LEU A 269 12.32 20.44 -1.66
N LEU A 270 12.07 19.14 -1.80
CA LEU A 270 11.07 18.70 -2.77
C LEU A 270 9.68 18.69 -2.16
N ARG A 271 9.63 18.77 -0.84
CA ARG A 271 8.35 18.69 -0.15
C ARG A 271 7.58 20.00 -0.25
N THR A 272 6.38 20.03 0.35
CA THR A 272 5.49 21.21 0.35
C THR A 272 6.11 22.44 1.02
N ILE A 273 5.85 23.60 0.42
CA ILE A 273 6.40 24.88 0.83
C ILE A 273 5.41 25.72 1.65
N ASP A 274 5.81 26.03 2.90
CA ASP A 274 4.99 26.83 3.82
C ASP A 274 3.56 26.30 3.94
CA NPI B . 14.15 10.37 -8.23
CB NPI B . 13.12 11.28 -7.55
C4 NPI B . 12.68 12.44 -8.42
C5 NPI B . 11.80 13.49 -7.71
C6 NPI B . 11.25 14.55 -8.65
C NPI B . 15.35 11.18 -8.78
O NPI B . 16.33 11.46 -8.00
OXT NPI B . 15.41 11.55 -9.94
N NPI B . 14.66 9.32 -7.34
C7 NPI B . 10.23 15.51 -8.06
O71 NPI B . 9.51 16.20 -8.78
O72 NPI B . 10.08 15.66 -6.78
N1 SCO C . 24.13 -5.30 -3.06
C2 SCO C . 24.96 -6.19 -2.44
N3 SCO C . 25.55 -6.08 -1.32
C4 SCO C . 25.30 -4.89 -0.75
C5 SCO C . 24.48 -3.86 -1.20
C6 SCO C . 23.85 -4.10 -2.45
N6 SCO C . 23.01 -3.25 -3.05
N7 SCO C . 24.49 -2.82 -0.32
C8 SCO C . 25.29 -3.23 0.64
N9 SCO C . 25.79 -4.48 0.42
C1' SCO C . 26.67 -5.18 1.32
C2' SCO C . 28.04 -4.60 1.26
O2 SCO C . 28.79 -5.18 0.18
C3' SCO C . 28.64 -4.92 2.62
O3 SCO C . 29.29 -6.21 2.63
P3 SCO C . 30.03 -6.67 3.94
O7 SCO C . 29.46 -5.91 5.10
O8 SCO C . 31.48 -6.51 3.72
O9 SCO C . 29.79 -8.12 4.14
C4' SCO C . 27.39 -4.78 3.47
O4 SCO C . 26.23 -4.97 2.64
C5' SCO C . 27.26 -3.36 4.00
O5 SCO C . 27.18 -2.50 2.83
P1 SCO C . 27.59 -0.94 2.92
O1' SCO C . 27.90 -0.38 1.58
O2' SCO C . 28.69 -0.75 3.89
O3' SCO C . 26.32 -0.27 3.51
P2 SCO C . 25.25 0.92 3.03
O4' SCO C . 25.82 1.80 1.99
O5' SCO C . 24.77 1.69 4.19
O6' SCO C . 24.08 -0.02 2.45
C11 SCO C . 24.04 -0.04 0.97
C12 SCO C . 22.66 0.28 0.38
C13 SCO C . 21.64 -0.75 0.86
C14 SCO C . 22.15 1.66 0.78
C15 SCO C . 22.75 0.24 -1.12
O10 SCO C . 23.24 -1.04 -1.57
C9 SCO C . 21.34 0.43 -1.61
O11 SCO C . 20.58 -0.52 -1.76
N8 SCO C . 21.00 1.68 -1.87
C27 SCO C . 19.69 2.05 -2.39
C26 SCO C . 19.70 2.10 -3.91
C25 SCO C . 18.37 2.61 -4.45
O12 SCO C . 17.34 1.94 -4.33
N34 SCO C . 18.45 3.80 -4.97
C33 SCO C . 17.30 4.45 -5.54
C32 SCO C . 17.69 4.80 -6.96
N31 SCO C . 17.78 6.21 -7.16
C42 SCO C . 16.28 5.68 -9.05
C41 SCO C . 17.03 6.75 -8.14
O41 SCO C . 16.91 8.04 -8.38
C43 SCO C . 15.22 6.28 -10.03
C44 SCO C . 14.25 5.29 -10.70
O44 SCO C . 13.23 5.79 -11.17
O45 SCO C . 14.55 4.03 -10.76
#